data_5UGU
#
_entry.id   5UGU
#
_cell.length_a   90.655
_cell.length_b   90.655
_cell.length_c   182.880
_cell.angle_alpha   90.00
_cell.angle_beta   90.00
_cell.angle_gamma   90.00
#
_symmetry.space_group_name_H-M   'I 41 2 2'
#
loop_
_entity.id
_entity.type
_entity.pdbx_description
1 polymer 'Enoyl-[acyl-carrier-protein] reductase [NADH]'
2 non-polymer NICOTINAMIDE-ADENINE-DINUCLEOTIDE
3 non-polymer 2-[4-[(4-cyclopropyl-1,2,3-triazol-1-yl)methyl]-2-oxidanyl-phenoxy]benzenecarbonitrile
4 water water
#
_entity_poly.entity_id   1
_entity_poly.type   'polypeptide(L)'
_entity_poly.pdbx_seq_one_letter_code
;MGSSHHHHHHSSGLVPRGSHMTGLLDGKRILVSGIITDSSIAFHIARVAQEQGAQLVLTGFDRLRLIQRITDRLPAKAPL
LELDVQNEEHLASLAGRVTEAIGAGNKLDGVVHSIGFMPQTGMGINPFFDAPYADVSKGIHISAYSYASMAKALLPIMNP
GGSIVGMDFDPSRAMPAYNWMTVAKSALESVNRFVAREAGKYGVRSNLVAAGPIRTLAMSAIVGGALGEEAGAQIQLLEE
GWDQRAPIGWNMKDATPVAKTVCALLSDWLPATTGDIIYADGGAHTQLL
;
_entity_poly.pdbx_strand_id   A
#
loop_
_chem_comp.id
_chem_comp.type
_chem_comp.name
_chem_comp.formula
NAD non-polymer NICOTINAMIDE-ADENINE-DINUCLEOTIDE 'C21 H27 N7 O14 P2'
XTV non-polymer 2-[4-[(4-cyclopropyl-1,2,3-triazol-1-yl)methyl]-2-oxidanyl-phenoxy]benzenecarbonitrile 'C19 H16 N4 O2'
#
# COMPACT_ATOMS: atom_id res chain seq x y z
N THR A 22 24.12 -11.69 -4.44
CA THR A 22 23.63 -12.10 -3.06
C THR A 22 22.14 -11.50 -2.76
N GLY A 23 21.98 -10.21 -3.05
CA GLY A 23 20.81 -9.48 -2.71
C GLY A 23 19.83 -9.45 -3.91
N LEU A 24 18.58 -9.80 -3.61
CA LEU A 24 17.54 -9.87 -4.59
C LEU A 24 17.36 -8.59 -5.36
N LEU A 25 17.48 -7.47 -4.66
CA LEU A 25 17.35 -6.17 -5.25
C LEU A 25 18.71 -5.45 -5.28
N ASP A 26 19.78 -6.22 -5.35
CA ASP A 26 21.13 -5.61 -5.36
C ASP A 26 21.25 -4.51 -6.41
N GLY A 27 21.64 -3.32 -6.02
CA GLY A 27 21.90 -2.30 -7.01
C GLY A 27 20.67 -1.67 -7.58
N LYS A 28 19.46 -1.92 -7.05
CA LYS A 28 18.28 -1.19 -7.55
C LYS A 28 18.00 -0.01 -6.68
N ARG A 29 17.39 0.97 -7.28
CA ARG A 29 16.98 2.14 -6.60
C ARG A 29 15.47 2.21 -6.59
N ILE A 30 14.92 2.30 -5.39
CA ILE A 30 13.47 2.17 -5.16
C ILE A 30 12.89 3.21 -4.27
N LEU A 31 11.85 3.88 -4.72
CA LEU A 31 11.12 4.79 -3.86
C LEU A 31 10.04 3.99 -3.08
N VAL A 32 10.05 4.11 -1.76
CA VAL A 32 8.93 3.60 -0.92
C VAL A 32 8.17 4.73 -0.22
N SER A 33 6.90 4.86 -0.53
CA SER A 33 5.97 5.68 0.20
C SER A 33 5.22 4.96 1.32
N GLY A 34 4.50 5.73 2.16
CA GLY A 34 3.56 5.14 3.14
C GLY A 34 4.08 4.75 4.54
N ILE A 35 5.36 5.00 4.85
CA ILE A 35 5.83 4.78 6.23
C ILE A 35 5.27 5.88 7.17
N ILE A 36 4.55 5.39 8.19
CA ILE A 36 4.09 6.22 9.31
C ILE A 36 4.61 5.66 10.66
N THR A 37 4.52 4.36 10.92
CA THR A 37 5.02 3.74 12.19
C THR A 37 5.84 2.56 11.77
N ASP A 38 6.39 1.85 12.76
CA ASP A 38 7.18 0.65 12.48
C ASP A 38 6.35 -0.60 12.27
N SER A 39 5.03 -0.45 12.36
CA SER A 39 4.12 -1.52 11.98
C SER A 39 3.66 -1.31 10.51
N SER A 40 3.97 -0.13 9.91
CA SER A 40 3.54 0.18 8.54
C SER A 40 3.99 -0.92 7.57
N ILE A 41 3.02 -1.40 6.76
CA ILE A 41 3.43 -2.33 5.73
C ILE A 41 4.69 -1.75 5.00
N ALA A 42 4.63 -0.48 4.65
CA ALA A 42 5.76 0.12 3.98
C ALA A 42 7.09 0.07 4.69
N PHE A 43 7.07 0.22 6.01
CA PHE A 43 8.28 0.03 6.84
C PHE A 43 8.91 -1.33 6.63
N HIS A 44 8.10 -2.39 6.60
CA HIS A 44 8.63 -3.77 6.44
C HIS A 44 9.11 -4.08 4.98
N ILE A 45 8.43 -3.44 4.02
CA ILE A 45 8.87 -3.47 2.59
C ILE A 45 10.28 -2.82 2.49
N ALA A 46 10.35 -1.62 2.99
CA ALA A 46 11.65 -0.86 3.07
C ALA A 46 12.75 -1.61 3.81
N ARG A 47 12.45 -2.19 4.96
CA ARG A 47 13.40 -3.07 5.60
C ARG A 47 13.89 -4.21 4.76
N VAL A 48 12.99 -5.00 4.23
CA VAL A 48 13.37 -6.18 3.45
C VAL A 48 14.17 -5.79 2.15
N ALA A 49 13.77 -4.68 1.57
CA ALA A 49 14.40 -4.12 0.39
C ALA A 49 15.86 -3.85 0.72
N GLN A 50 16.08 -3.09 1.81
CA GLN A 50 17.51 -2.77 2.24
C GLN A 50 18.26 -4.04 2.59
N GLU A 51 17.65 -5.01 3.27
CA GLU A 51 18.38 -6.29 3.50
C GLU A 51 18.78 -6.91 2.19
N GLN A 52 17.99 -6.75 1.11
CA GLN A 52 18.31 -7.40 -0.16
C GLN A 52 19.08 -6.49 -1.14
N GLY A 53 19.53 -5.33 -0.64
CA GLY A 53 20.67 -4.54 -1.20
C GLY A 53 20.16 -3.34 -1.95
N ALA A 54 18.87 -3.01 -1.86
CA ALA A 54 18.34 -1.84 -2.58
C ALA A 54 18.80 -0.59 -1.96
N GLN A 55 18.72 0.47 -2.74
CA GLN A 55 18.93 1.76 -2.19
C GLN A 55 17.64 2.55 -2.34
N LEU A 56 17.21 3.11 -1.24
CA LEU A 56 15.93 3.68 -1.10
C LEU A 56 15.85 5.13 -1.05
N VAL A 57 14.72 5.61 -1.47
CA VAL A 57 14.28 6.97 -1.24
C VAL A 57 12.94 6.72 -0.62
N LEU A 58 12.67 7.46 0.49
CA LEU A 58 11.43 7.40 1.21
C LEU A 58 10.54 8.64 1.03
N THR A 59 9.22 8.43 0.94
CA THR A 59 8.28 9.50 1.10
C THR A 59 7.36 9.31 2.32
N GLY A 60 7.10 10.47 2.93
CA GLY A 60 6.23 10.59 4.12
C GLY A 60 5.24 11.73 3.92
N PHE A 61 4.08 11.57 4.52
CA PHE A 61 3.00 12.55 4.51
C PHE A 61 2.87 13.23 5.94
N ASP A 62 2.76 14.56 5.98
CA ASP A 62 2.27 15.32 7.17
C ASP A 62 3.11 15.37 8.49
N ARG A 63 3.56 14.22 9.02
CA ARG A 63 4.26 14.13 10.31
C ARG A 63 5.72 13.70 10.05
N LEU A 64 6.40 14.58 9.32
CA LEU A 64 7.77 14.28 8.81
C LEU A 64 8.85 14.04 9.84
N ARG A 65 8.77 14.78 10.97
CA ARG A 65 9.79 14.59 11.98
C ARG A 65 9.49 13.27 12.58
N LEU A 66 8.21 13.05 12.86
CA LEU A 66 7.76 11.67 13.30
C LEU A 66 8.25 10.48 12.40
N ILE A 67 7.98 10.66 11.11
CA ILE A 67 8.35 9.58 10.13
C ILE A 67 9.87 9.33 10.16
N GLN A 68 10.62 10.44 10.16
CA GLN A 68 12.08 10.40 10.26
C GLN A 68 12.62 9.62 11.42
N ARG A 69 12.01 9.77 12.60
CA ARG A 69 12.45 8.96 13.74
C ARG A 69 12.24 7.49 13.49
N ILE A 70 11.07 7.16 12.92
CA ILE A 70 10.87 5.74 12.51
C ILE A 70 11.84 5.33 11.47
N THR A 71 11.96 6.17 10.45
CA THR A 71 12.84 5.78 9.32
C THR A 71 14.32 5.65 9.75
N ASP A 72 14.78 6.40 10.79
CA ASP A 72 16.12 6.20 11.40
C ASP A 72 16.36 4.73 11.89
N ARG A 73 15.30 3.95 12.16
CA ARG A 73 15.51 2.54 12.62
C ARG A 73 15.62 1.53 11.52
N LEU A 74 15.65 1.95 10.26
CA LEU A 74 15.80 0.94 9.17
C LEU A 74 17.25 0.51 9.11
N PRO A 75 17.58 -0.65 8.49
CA PRO A 75 19.02 -1.05 8.56
C PRO A 75 20.02 -0.07 7.93
N ALA A 76 19.59 0.80 7.02
CA ALA A 76 20.47 1.75 6.34
C ALA A 76 19.76 3.09 6.15
N LYS A 77 20.55 4.12 5.94
CA LYS A 77 20.00 5.46 5.78
C LYS A 77 19.34 5.62 4.42
N ALA A 78 18.44 6.58 4.34
CA ALA A 78 17.75 6.83 3.14
C ALA A 78 17.20 8.20 3.17
N PRO A 79 17.36 8.96 2.09
CA PRO A 79 16.68 10.27 2.13
C PRO A 79 15.10 10.14 2.25
N LEU A 80 14.50 11.06 2.99
CA LEU A 80 13.08 11.16 3.20
C LEU A 80 12.52 12.37 2.52
N LEU A 81 11.44 12.32 1.76
CA LEU A 81 10.86 13.53 1.12
C LEU A 81 9.35 13.67 1.38
N GLU A 82 8.86 14.89 1.35
CA GLU A 82 7.48 15.12 1.75
C GLU A 82 6.63 14.80 0.54
N LEU A 83 5.56 14.06 0.69
CA LEU A 83 4.61 13.83 -0.44
C LEU A 83 3.27 13.59 0.10
N ASP A 84 2.46 14.62 0.04
CA ASP A 84 0.95 14.54 0.18
C ASP A 84 0.42 14.32 -1.24
N VAL A 85 -0.13 13.16 -1.57
CA VAL A 85 -0.62 12.95 -2.96
C VAL A 85 -1.80 13.81 -3.34
N GLN A 86 -2.40 14.54 -2.41
CA GLN A 86 -3.37 15.54 -2.84
C GLN A 86 -2.80 16.89 -3.29
N ASN A 87 -1.55 17.11 -2.96
CA ASN A 87 -0.84 18.38 -3.21
C ASN A 87 -0.16 18.40 -4.61
N GLU A 88 -0.73 19.23 -5.48
CA GLU A 88 -0.26 19.25 -6.90
C GLU A 88 1.14 19.75 -7.07
N GLU A 89 1.58 20.68 -6.23
CA GLU A 89 2.98 21.17 -6.29
C GLU A 89 3.92 20.10 -5.83
N HIS A 90 3.56 19.36 -4.78
CA HIS A 90 4.44 18.28 -4.38
C HIS A 90 4.67 17.22 -5.51
N LEU A 91 3.57 16.94 -6.20
CA LEU A 91 3.58 15.92 -7.29
C LEU A 91 4.42 16.44 -8.45
N ALA A 92 4.26 17.71 -8.76
CA ALA A 92 5.10 18.37 -9.78
C ALA A 92 6.58 18.47 -9.47
N SER A 93 6.96 18.62 -8.21
CA SER A 93 8.37 18.77 -7.90
C SER A 93 8.99 17.42 -7.69
N LEU A 94 8.17 16.38 -7.56
CA LEU A 94 8.61 15.11 -6.97
C LEU A 94 9.78 14.45 -7.73
N ALA A 95 9.62 14.29 -9.05
CA ALA A 95 10.70 13.69 -9.87
C ALA A 95 12.06 14.46 -9.77
N GLY A 96 11.97 15.79 -9.84
CA GLY A 96 13.15 16.63 -9.66
C GLY A 96 13.77 16.48 -8.27
N ARG A 97 12.92 16.39 -7.24
CA ARG A 97 13.42 16.09 -5.86
C ARG A 97 14.07 14.72 -5.70
N VAL A 98 13.49 13.71 -6.34
CA VAL A 98 14.05 12.38 -6.22
C VAL A 98 15.42 12.36 -6.93
N THR A 99 15.44 12.97 -8.12
CA THR A 99 16.64 13.01 -9.01
C THR A 99 17.74 13.67 -8.20
N GLU A 100 17.41 14.78 -7.53
CA GLU A 100 18.41 15.45 -6.61
C GLU A 100 18.89 14.46 -5.51
N ALA A 101 17.99 13.67 -4.96
CA ALA A 101 18.33 12.71 -3.90
C ALA A 101 19.18 11.54 -4.39
N ILE A 102 18.97 11.07 -5.60
CA ILE A 102 19.73 9.90 -6.10
C ILE A 102 20.91 10.23 -7.02
N GLY A 103 21.05 11.47 -7.52
CA GLY A 103 22.20 11.89 -8.45
C GLY A 103 21.66 12.13 -9.86
N ALA A 104 21.95 13.26 -10.48
CA ALA A 104 21.70 13.46 -11.94
C ALA A 104 22.22 12.20 -12.70
N GLY A 105 21.50 11.68 -13.69
CA GLY A 105 22.03 10.55 -14.49
C GLY A 105 21.68 9.19 -13.91
N ASN A 106 21.03 9.18 -12.76
CA ASN A 106 20.48 7.97 -12.21
C ASN A 106 18.97 7.93 -12.21
N LYS A 107 18.45 6.74 -12.44
CA LYS A 107 17.00 6.62 -12.31
C LYS A 107 16.48 5.62 -11.32
N LEU A 108 15.15 5.67 -11.09
CA LEU A 108 14.49 4.74 -10.25
C LEU A 108 14.25 3.44 -11.02
N ASP A 109 14.44 2.34 -10.29
CA ASP A 109 14.05 1.04 -10.75
C ASP A 109 12.73 0.56 -10.15
N GLY A 110 12.27 1.15 -9.05
CA GLY A 110 11.11 0.63 -8.38
C GLY A 110 10.37 1.78 -7.70
N VAL A 111 9.07 1.61 -7.56
CA VAL A 111 8.21 2.52 -6.90
C VAL A 111 7.24 1.71 -6.10
N VAL A 112 7.09 2.02 -4.81
CA VAL A 112 6.06 1.37 -3.95
C VAL A 112 5.04 2.40 -3.48
N HIS A 113 3.78 2.17 -3.86
CA HIS A 113 2.64 2.96 -3.35
C HIS A 113 2.02 2.15 -2.22
N SER A 114 2.12 2.69 -1.00
CA SER A 114 1.66 1.97 0.22
C SER A 114 0.86 2.93 1.07
N ILE A 115 -0.19 3.43 0.46
CA ILE A 115 -0.83 4.66 0.87
C ILE A 115 -2.34 4.48 0.76
N GLY A 116 -3.08 4.92 1.75
CA GLY A 116 -4.55 4.96 1.69
C GLY A 116 -5.14 5.81 2.76
N PHE A 117 -6.39 6.21 2.56
CA PHE A 117 -7.15 7.04 3.48
C PHE A 117 -8.63 7.03 3.19
N MET A 118 -9.44 7.04 4.23
CA MET A 118 -10.86 7.21 4.04
C MET A 118 -11.33 7.92 5.27
N PRO A 119 -12.08 8.99 5.12
CA PRO A 119 -12.65 9.67 6.28
C PRO A 119 -13.53 8.72 7.09
N GLN A 120 -13.67 9.00 8.35
CA GLN A 120 -14.42 8.11 9.25
C GLN A 120 -15.88 7.84 8.88
N THR A 121 -16.53 8.72 8.14
CA THR A 121 -17.90 8.47 7.67
C THR A 121 -17.95 7.36 6.66
N GLY A 122 -16.82 7.09 6.05
CA GLY A 122 -16.81 6.14 4.96
C GLY A 122 -16.60 4.67 5.38
N MET A 123 -16.62 4.35 6.66
CA MET A 123 -16.02 3.07 7.08
C MET A 123 -16.43 2.78 8.57
N GLY A 124 -16.29 1.54 9.03
CA GLY A 124 -16.54 1.19 10.43
C GLY A 124 -18.03 1.00 10.75
N ILE A 125 -18.57 1.73 11.75
CA ILE A 125 -19.92 1.68 12.22
C ILE A 125 -20.79 2.50 11.35
N ASN A 126 -20.22 3.53 10.72
CA ASN A 126 -21.08 4.56 10.12
C ASN A 126 -21.88 3.95 8.95
N PRO A 127 -23.20 4.11 8.88
CA PRO A 127 -23.92 3.47 7.78
C PRO A 127 -23.32 3.85 6.45
N PHE A 128 -23.28 2.89 5.54
CA PHE A 128 -22.82 3.10 4.13
C PHE A 128 -23.47 4.30 3.40
N PHE A 129 -24.76 4.45 3.51
CA PHE A 129 -25.51 5.48 2.82
C PHE A 129 -25.32 6.82 3.45
N ASP A 130 -24.69 6.96 4.61
CA ASP A 130 -24.57 8.28 5.21
C ASP A 130 -23.20 8.93 4.92
N ALA A 131 -22.35 8.30 4.13
CA ALA A 131 -21.05 8.90 3.81
C ALA A 131 -21.24 10.05 2.74
N PRO A 132 -20.96 11.35 3.09
CA PRO A 132 -21.04 12.33 2.07
C PRO A 132 -20.06 12.09 0.91
N TYR A 133 -20.47 12.47 -0.31
CA TYR A 133 -19.55 12.38 -1.45
C TYR A 133 -18.22 13.06 -1.30
N ALA A 134 -18.18 14.20 -0.66
CA ALA A 134 -16.93 14.89 -0.43
C ALA A 134 -15.96 13.99 0.32
N ASP A 135 -16.44 13.28 1.32
CA ASP A 135 -15.53 12.35 2.06
C ASP A 135 -15.15 11.15 1.21
N VAL A 136 -16.11 10.57 0.49
CA VAL A 136 -15.80 9.40 -0.36
C VAL A 136 -14.73 9.82 -1.39
N SER A 137 -14.98 10.98 -1.99
CA SER A 137 -14.14 11.51 -3.04
C SER A 137 -12.68 11.72 -2.58
N LYS A 138 -12.53 12.24 -1.36
CA LYS A 138 -11.23 12.35 -0.71
C LYS A 138 -10.51 11.04 -0.49
N GLY A 139 -11.24 10.07 0.00
CA GLY A 139 -10.72 8.69 0.06
C GLY A 139 -10.28 8.07 -1.24
N ILE A 140 -11.12 8.23 -2.27
CA ILE A 140 -10.72 7.70 -3.62
C ILE A 140 -9.52 8.46 -4.23
N HIS A 141 -9.46 9.77 -4.01
CA HIS A 141 -8.30 10.56 -4.44
C HIS A 141 -7.05 9.93 -3.84
N ILE A 142 -6.96 9.76 -2.53
CA ILE A 142 -5.72 9.30 -1.85
C ILE A 142 -5.45 7.83 -2.08
N SER A 143 -6.52 7.05 -2.11
CA SER A 143 -6.41 5.58 -2.12
C SER A 143 -6.26 4.93 -3.50
N ALA A 144 -6.77 5.61 -4.51
CA ALA A 144 -6.82 5.08 -5.89
C ALA A 144 -6.21 5.99 -6.98
N TYR A 145 -6.75 7.18 -7.09
CA TYR A 145 -6.23 8.11 -8.07
C TYR A 145 -4.75 8.36 -7.96
N SER A 146 -4.25 8.46 -6.75
CA SER A 146 -2.85 8.81 -6.49
C SER A 146 -1.93 7.73 -7.03
N TYR A 147 -2.46 6.51 -7.30
CA TYR A 147 -1.58 5.47 -7.88
C TYR A 147 -1.21 5.93 -9.32
N ALA A 148 -2.14 6.52 -10.02
CA ALA A 148 -1.90 7.03 -11.36
C ALA A 148 -1.04 8.29 -11.29
N SER A 149 -1.39 9.17 -10.34
CA SER A 149 -0.61 10.39 -10.21
C SER A 149 0.85 10.18 -9.84
N MET A 150 1.12 9.24 -8.96
CA MET A 150 2.53 8.87 -8.68
C MET A 150 3.23 8.27 -9.89
N ALA A 151 2.52 7.44 -10.64
CA ALA A 151 3.12 6.83 -11.80
C ALA A 151 3.42 7.86 -12.83
N LYS A 152 2.51 8.77 -13.06
CA LYS A 152 2.72 9.88 -13.91
C LYS A 152 4.01 10.68 -13.56
N ALA A 153 4.13 11.00 -12.28
CA ALA A 153 5.25 11.82 -11.86
C ALA A 153 6.51 11.00 -11.97
N LEU A 154 6.46 9.70 -11.66
CA LEU A 154 7.74 8.95 -11.61
C LEU A 154 8.20 8.17 -12.86
N LEU A 155 7.27 7.82 -13.75
CA LEU A 155 7.68 7.00 -14.93
C LEU A 155 8.82 7.66 -15.77
N PRO A 156 8.77 9.01 -15.87
CA PRO A 156 9.87 9.66 -16.58
C PRO A 156 11.19 9.49 -15.97
N ILE A 157 11.30 9.10 -14.71
CA ILE A 157 12.63 8.86 -14.12
C ILE A 157 12.77 7.40 -13.71
N MET A 158 12.07 6.50 -14.45
CA MET A 158 12.32 5.08 -14.26
C MET A 158 13.03 4.45 -15.46
N ASN A 159 13.86 3.48 -15.08
CA ASN A 159 14.52 2.60 -15.95
C ASN A 159 13.70 1.47 -16.55
N PRO A 160 13.97 1.14 -17.85
CA PRO A 160 13.43 -0.12 -18.37
C PRO A 160 13.70 -1.27 -17.42
N GLY A 161 12.78 -2.19 -17.38
CA GLY A 161 12.82 -3.30 -16.44
C GLY A 161 12.36 -2.92 -15.03
N GLY A 162 11.85 -1.70 -14.82
CA GLY A 162 11.44 -1.27 -13.51
C GLY A 162 10.10 -1.89 -13.07
N SER A 163 9.73 -1.59 -11.82
CA SER A 163 8.54 -2.13 -11.20
C SER A 163 7.85 -1.11 -10.29
N ILE A 164 6.53 -0.94 -10.49
CA ILE A 164 5.63 -0.15 -9.63
C ILE A 164 4.72 -1.09 -8.95
N VAL A 165 4.61 -0.93 -7.63
CA VAL A 165 3.78 -1.87 -6.86
C VAL A 165 2.87 -1.05 -5.96
N GLY A 166 1.59 -1.38 -5.93
CA GLY A 166 0.73 -0.79 -4.86
C GLY A 166 0.07 -1.86 -3.99
N MET A 167 -0.55 -1.40 -2.91
CA MET A 167 -1.13 -2.31 -1.92
C MET A 167 -2.69 -2.34 -1.97
N ASP A 168 -3.25 -3.56 -2.03
CA ASP A 168 -4.68 -3.80 -2.23
C ASP A 168 -5.16 -4.66 -1.09
N PHE A 169 -6.50 -4.63 -0.92
CA PHE A 169 -7.19 -5.53 -0.05
C PHE A 169 -8.42 -6.04 -0.85
N ASP A 170 -8.40 -7.33 -1.16
CA ASP A 170 -9.33 -7.91 -2.16
C ASP A 170 -10.75 -7.41 -1.99
N PRO A 171 -11.26 -6.63 -2.95
CA PRO A 171 -12.59 -6.02 -2.87
C PRO A 171 -13.64 -6.65 -3.83
N SER A 172 -13.35 -7.85 -4.25
CA SER A 172 -14.23 -8.62 -5.16
CA SER A 172 -14.22 -8.52 -5.21
C SER A 172 -15.57 -8.90 -4.62
N ARG A 173 -15.62 -9.01 -3.30
CA ARG A 173 -16.88 -9.21 -2.58
CA ARG A 173 -16.88 -9.20 -2.56
C ARG A 173 -17.04 -8.15 -1.51
N ALA A 174 -18.27 -7.82 -1.19
CA ALA A 174 -18.48 -6.86 -0.15
C ALA A 174 -18.25 -7.54 1.19
N MET A 175 -18.13 -6.71 2.23
CA MET A 175 -17.85 -7.21 3.56
C MET A 175 -18.23 -6.15 4.60
N PRO A 176 -18.41 -6.53 5.87
CA PRO A 176 -18.72 -5.52 6.84
C PRO A 176 -17.58 -4.52 7.02
N ALA A 177 -17.99 -3.31 7.39
CA ALA A 177 -17.16 -2.22 7.86
C ALA A 177 -16.24 -1.52 6.84
N TYR A 178 -15.68 -2.29 5.92
CA TYR A 178 -14.73 -1.75 5.00
C TYR A 178 -15.36 -0.73 4.05
N ASN A 179 -16.65 -0.93 3.83
CA ASN A 179 -17.52 0.06 3.17
C ASN A 179 -16.89 0.78 1.97
N TRP A 180 -16.68 2.09 2.08
CA TRP A 180 -16.25 2.87 0.93
C TRP A 180 -14.79 2.61 0.58
N MET A 181 -14.02 2.11 1.53
CA MET A 181 -12.65 1.77 1.19
C MET A 181 -12.66 0.58 0.24
N THR A 182 -13.67 -0.32 0.38
CA THR A 182 -13.83 -1.39 -0.65
C THR A 182 -14.03 -0.78 -2.02
N VAL A 183 -14.86 0.25 -2.11
CA VAL A 183 -15.11 0.89 -3.36
C VAL A 183 -13.79 1.45 -3.90
N ALA A 184 -13.00 2.11 -3.03
CA ALA A 184 -11.76 2.73 -3.42
C ALA A 184 -10.76 1.68 -3.89
N LYS A 185 -10.73 0.49 -3.22
CA LYS A 185 -9.87 -0.56 -3.74
C LYS A 185 -10.31 -1.15 -5.10
N SER A 186 -11.62 -1.24 -5.35
CA SER A 186 -12.10 -1.68 -6.65
C SER A 186 -11.58 -0.68 -7.69
N ALA A 187 -11.70 0.63 -7.41
CA ALA A 187 -11.14 1.62 -8.28
C ALA A 187 -9.68 1.47 -8.50
N LEU A 188 -8.92 1.28 -7.43
CA LEU A 188 -7.47 1.11 -7.53
C LEU A 188 -7.10 -0.04 -8.51
N GLU A 189 -7.81 -1.19 -8.41
CA GLU A 189 -7.52 -2.31 -9.27
C GLU A 189 -7.68 -1.87 -10.69
N SER A 190 -8.75 -1.11 -11.01
CA SER A 190 -9.01 -0.69 -12.40
C SER A 190 -7.88 0.31 -12.83
N VAL A 191 -7.57 1.21 -11.91
CA VAL A 191 -6.53 2.19 -12.13
C VAL A 191 -5.21 1.48 -12.45
N ASN A 192 -4.85 0.44 -11.70
CA ASN A 192 -3.60 -0.28 -11.87
C ASN A 192 -3.53 -0.88 -13.34
N ARG A 193 -4.65 -1.36 -13.85
CA ARG A 193 -4.70 -1.91 -15.19
C ARG A 193 -4.38 -0.87 -16.31
N PHE A 194 -4.83 0.38 -16.12
CA PHE A 194 -4.48 1.46 -16.98
C PHE A 194 -3.09 1.98 -16.78
N VAL A 195 -2.63 1.96 -15.53
CA VAL A 195 -1.23 2.38 -15.25
C VAL A 195 -0.29 1.45 -15.99
N ALA A 196 -0.63 0.14 -16.03
CA ALA A 196 0.18 -0.82 -16.76
C ALA A 196 0.31 -0.54 -18.23
N ARG A 197 -0.75 -0.06 -18.87
CA ARG A 197 -0.69 0.34 -20.27
C ARG A 197 0.30 1.51 -20.44
N GLU A 198 0.30 2.46 -19.52
CA GLU A 198 1.23 3.65 -19.65
C GLU A 198 2.64 3.21 -19.33
N ALA A 199 2.79 2.40 -18.28
CA ALA A 199 4.10 1.96 -17.84
C ALA A 199 4.88 1.04 -18.84
N GLY A 200 4.12 0.22 -19.58
CA GLY A 200 4.62 -0.56 -20.66
C GLY A 200 5.46 0.18 -21.68
N LYS A 201 5.10 1.42 -21.96
CA LYS A 201 5.81 2.24 -22.92
C LYS A 201 7.24 2.51 -22.47
N TYR A 202 7.46 2.50 -21.18
CA TYR A 202 8.75 2.66 -20.51
C TYR A 202 9.48 1.35 -20.17
N GLY A 203 8.96 0.21 -20.58
CA GLY A 203 9.49 -1.10 -20.14
C GLY A 203 9.29 -1.40 -18.66
N VAL A 204 8.26 -0.79 -18.04
CA VAL A 204 8.05 -0.88 -16.60
C VAL A 204 6.73 -1.64 -16.28
N ARG A 205 6.78 -2.54 -15.30
CA ARG A 205 5.56 -3.27 -14.84
C ARG A 205 4.83 -2.50 -13.76
N SER A 206 3.54 -2.77 -13.58
CA SER A 206 2.66 -2.17 -12.52
C SER A 206 1.75 -3.27 -12.03
N ASN A 207 1.79 -3.48 -10.72
CA ASN A 207 1.09 -4.53 -10.08
C ASN A 207 0.61 -4.10 -8.72
N LEU A 208 -0.42 -4.80 -8.24
CA LEU A 208 -0.81 -4.71 -6.80
C LEU A 208 -0.58 -5.99 -6.03
N VAL A 209 -0.22 -5.84 -4.79
CA VAL A 209 -0.23 -6.97 -3.83
C VAL A 209 -1.46 -6.88 -2.95
N ALA A 210 -2.36 -7.82 -3.11
CA ALA A 210 -3.49 -7.97 -2.19
C ALA A 210 -3.12 -8.76 -0.95
N ALA A 211 -2.94 -8.06 0.17
CA ALA A 211 -2.51 -8.63 1.46
C ALA A 211 -3.68 -9.05 2.29
N GLY A 212 -3.46 -10.08 3.07
CA GLY A 212 -4.28 -10.33 4.22
C GLY A 212 -4.13 -9.25 5.35
N PRO A 213 -4.97 -9.31 6.39
CA PRO A 213 -5.04 -8.25 7.38
C PRO A 213 -3.74 -8.24 8.18
N ILE A 214 -3.19 -7.05 8.33
CA ILE A 214 -1.94 -6.81 9.10
C ILE A 214 -2.24 -5.70 10.12
N ARG A 215 -1.83 -5.90 11.35
CA ARG A 215 -2.06 -4.91 12.39
C ARG A 215 -1.18 -3.71 12.19
N THR A 216 -1.77 -2.70 11.65
CA THR A 216 -1.15 -1.41 11.45
C THR A 216 -1.97 -0.30 12.02
N LEU A 217 -1.43 0.91 11.95
CA LEU A 217 -2.16 2.05 12.38
C LEU A 217 -3.50 2.22 11.62
N ALA A 218 -3.41 2.12 10.31
CA ALA A 218 -4.61 2.29 9.54
C ALA A 218 -5.70 1.21 9.91
N MET A 219 -5.27 -0.01 10.19
CA MET A 219 -6.21 -1.04 10.67
C MET A 219 -6.87 -0.63 12.01
N SER A 220 -6.11 -0.07 12.99
CA SER A 220 -6.71 0.54 14.24
C SER A 220 -7.70 1.61 14.04
N ALA A 221 -7.60 2.33 12.93
CA ALA A 221 -8.56 3.40 12.69
C ALA A 221 -9.90 2.96 12.03
N ILE A 222 -10.08 1.69 11.63
N ILE A 222 -9.98 1.63 11.80
CA ILE A 222 -11.28 1.34 10.87
CA ILE A 222 -11.19 0.81 11.82
C ILE A 222 -12.57 1.52 11.71
C ILE A 222 -11.40 0.09 13.19
N VAL A 223 -12.60 1.12 12.95
N VAL A 223 -10.49 -0.80 13.64
CA VAL A 223 -13.81 1.37 13.69
CA VAL A 223 -10.64 -1.46 14.96
C VAL A 223 -13.85 2.81 14.05
C VAL A 223 -10.41 -0.40 16.07
N GLY A 224 -12.65 3.31 14.22
N GLY A 224 -11.21 0.69 16.00
CA GLY A 224 -12.42 4.56 14.90
CA GLY A 224 -10.93 1.98 16.67
C GLY A 224 -12.07 4.09 16.29
C GLY A 224 -12.09 2.79 17.31
N GLY A 225 -11.68 2.79 16.35
N GLY A 225 -13.20 3.03 16.58
CA GLY A 225 -11.26 2.07 17.60
CA GLY A 225 -14.40 3.68 17.20
C GLY A 225 -12.39 1.87 18.62
C GLY A 225 -15.50 2.64 17.32
N ALA A 226 -12.93 3.05 19.03
N ALA A 226 -15.27 1.58 16.55
CA ALA A 226 -14.11 3.21 19.82
CA ALA A 226 -16.17 0.45 16.49
C ALA A 226 -14.98 1.91 19.82
C ALA A 226 -16.11 -0.56 17.68
N LEU A 227 -15.69 1.67 20.91
N LEU A 227 -15.14 -0.39 18.56
CA LEU A 227 -15.85 0.28 21.37
CA LEU A 227 -14.94 -1.36 19.59
C LEU A 227 -17.25 -0.38 21.52
C LEU A 227 -16.34 -1.55 20.16
N GLY A 228 -17.17 -1.71 21.60
N GLY A 228 -16.66 -2.74 20.69
CA GLY A 228 -18.30 -2.60 21.72
CA GLY A 228 -17.93 -2.97 21.41
C GLY A 228 -19.44 -2.31 20.75
C GLY A 228 -19.26 -2.56 20.72
N GLU A 229 -19.16 -2.13 19.45
CA GLU A 229 -20.25 -1.96 18.51
C GLU A 229 -20.24 -3.21 17.51
N GLU A 230 -21.43 -3.55 16.99
CA GLU A 230 -21.66 -4.74 16.10
C GLU A 230 -20.60 -4.86 15.00
N ALA A 231 -20.28 -3.71 14.45
CA ALA A 231 -19.26 -3.67 13.41
C ALA A 231 -17.82 -4.14 13.93
N GLY A 232 -17.55 -3.97 15.24
CA GLY A 232 -16.28 -4.34 15.86
C GLY A 232 -16.14 -5.84 15.95
N ALA A 233 -17.23 -6.47 16.37
CA ALA A 233 -17.38 -7.91 16.37
C ALA A 233 -17.26 -8.55 14.95
N GLN A 234 -17.97 -7.93 13.99
CA GLN A 234 -17.97 -8.36 12.55
CA GLN A 234 -17.95 -8.43 12.58
C GLN A 234 -16.54 -8.34 12.05
N ILE A 235 -15.85 -7.21 12.33
CA ILE A 235 -14.44 -7.08 12.00
C ILE A 235 -13.58 -8.13 12.67
N GLN A 236 -13.83 -8.48 13.93
CA GLN A 236 -12.98 -9.52 14.53
C GLN A 236 -13.27 -10.89 13.86
N LEU A 237 -14.54 -11.16 13.60
CA LEU A 237 -14.93 -12.42 12.93
CA LEU A 237 -14.96 -12.39 12.91
C LEU A 237 -14.26 -12.49 11.52
N LEU A 238 -14.31 -11.42 10.76
CA LEU A 238 -13.63 -11.41 9.43
C LEU A 238 -12.18 -11.71 9.50
N GLU A 239 -11.48 -10.96 10.35
CA GLU A 239 -10.06 -11.14 10.53
C GLU A 239 -9.72 -12.59 11.03
N GLU A 240 -10.52 -13.22 11.85
CA GLU A 240 -10.18 -14.60 12.29
C GLU A 240 -10.36 -15.59 11.12
N GLY A 241 -11.30 -15.29 10.21
CA GLY A 241 -11.61 -16.15 9.10
C GLY A 241 -10.34 -16.33 8.24
N TRP A 242 -9.42 -15.35 8.24
CA TRP A 242 -8.34 -15.44 7.35
C TRP A 242 -7.48 -16.68 7.72
N ASP A 243 -7.07 -16.74 8.95
CA ASP A 243 -6.18 -17.80 9.37
C ASP A 243 -6.85 -19.19 9.23
N GLN A 244 -8.17 -19.26 9.40
CA GLN A 244 -8.86 -20.49 9.21
C GLN A 244 -8.88 -20.98 7.77
N ARG A 245 -9.28 -20.10 6.84
CA ARG A 245 -9.46 -20.40 5.44
C ARG A 245 -8.06 -20.60 4.73
N ALA A 246 -7.01 -19.91 5.19
CA ALA A 246 -5.75 -19.94 4.59
C ALA A 246 -5.09 -21.37 4.77
N PRO A 247 -4.80 -22.09 3.68
CA PRO A 247 -4.13 -23.39 3.79
C PRO A 247 -2.85 -23.38 4.50
N ILE A 248 -2.13 -22.28 4.46
CA ILE A 248 -0.85 -22.18 5.16
C ILE A 248 -1.01 -21.29 6.33
N GLY A 249 -2.20 -20.96 6.79
CA GLY A 249 -2.27 -20.05 7.90
C GLY A 249 -1.93 -18.60 7.53
N TRP A 250 -2.27 -17.73 8.47
CA TRP A 250 -2.15 -16.29 8.33
C TRP A 250 -1.86 -15.74 9.72
N ASN A 251 -0.79 -14.98 9.80
CA ASN A 251 -0.41 -14.27 11.02
C ASN A 251 -0.47 -12.76 10.79
N MET A 252 -1.46 -12.19 11.39
CA MET A 252 -1.75 -10.77 11.33
CA MET A 252 -1.72 -10.76 11.29
C MET A 252 -0.70 -9.90 11.99
N LYS A 253 0.09 -10.49 12.86
CA LYS A 253 1.18 -9.83 13.54
C LYS A 253 2.51 -9.68 12.78
N ASP A 254 2.65 -10.30 11.61
CA ASP A 254 3.91 -10.37 10.87
C ASP A 254 3.68 -9.92 9.43
N ALA A 255 4.14 -8.73 9.13
CA ALA A 255 4.04 -8.13 7.79
C ALA A 255 5.13 -8.72 6.84
N THR A 256 6.10 -9.49 7.33
CA THR A 256 7.23 -9.96 6.50
C THR A 256 6.80 -10.72 5.25
N PRO A 257 5.81 -11.61 5.37
CA PRO A 257 5.49 -12.33 4.13
C PRO A 257 4.95 -11.40 3.04
N VAL A 258 4.24 -10.41 3.48
CA VAL A 258 3.74 -9.38 2.54
C VAL A 258 4.95 -8.59 1.95
N ALA A 259 5.87 -8.16 2.82
CA ALA A 259 7.03 -7.39 2.40
C ALA A 259 7.85 -8.18 1.40
N LYS A 260 8.07 -9.47 1.69
CA LYS A 260 8.76 -10.29 0.76
C LYS A 260 8.14 -10.38 -0.70
N THR A 261 6.81 -10.58 -0.70
CA THR A 261 6.02 -10.58 -1.94
C THR A 261 6.17 -9.30 -2.78
N VAL A 262 6.18 -8.14 -2.10
CA VAL A 262 6.43 -6.88 -2.74
C VAL A 262 7.85 -6.86 -3.33
N CYS A 263 8.83 -7.27 -2.55
CA CYS A 263 10.16 -7.38 -3.06
C CYS A 263 10.24 -8.37 -4.30
N ALA A 264 9.48 -9.48 -4.28
CA ALA A 264 9.40 -10.38 -5.46
C ALA A 264 9.05 -9.62 -6.77
N LEU A 265 8.02 -8.79 -6.67
CA LEU A 265 7.60 -7.93 -7.75
C LEU A 265 8.55 -6.83 -8.17
N LEU A 266 9.24 -6.26 -7.21
CA LEU A 266 10.26 -5.26 -7.49
C LEU A 266 11.48 -5.87 -8.13
N SER A 267 11.68 -7.19 -8.00
CA SER A 267 12.87 -7.87 -8.56
C SER A 267 12.59 -8.20 -10.01
N ASP A 268 13.55 -8.92 -10.59
CA ASP A 268 13.55 -9.33 -11.97
C ASP A 268 12.95 -10.76 -12.14
N TRP A 269 12.39 -11.30 -11.08
CA TRP A 269 11.87 -12.72 -11.08
C TRP A 269 10.42 -12.87 -11.39
N LEU A 270 9.71 -11.78 -11.49
CA LEU A 270 8.33 -11.82 -12.13
C LEU A 270 8.30 -10.88 -13.35
N PRO A 271 9.13 -11.17 -14.37
CA PRO A 271 9.35 -10.26 -15.46
C PRO A 271 8.15 -10.15 -16.49
N ALA A 272 7.23 -11.13 -16.44
CA ALA A 272 6.14 -11.18 -17.40
C ALA A 272 4.75 -10.88 -16.75
N THR A 273 4.73 -10.22 -15.61
CA THR A 273 3.51 -10.01 -14.86
C THR A 273 3.31 -8.50 -14.76
N THR A 274 2.21 -8.05 -15.30
CA THR A 274 1.85 -6.67 -15.26
C THR A 274 0.29 -6.43 -15.37
N GLY A 275 -0.17 -5.29 -14.86
CA GLY A 275 -1.57 -4.96 -14.78
C GLY A 275 -2.32 -5.87 -13.79
N ASP A 276 -1.59 -6.51 -12.86
CA ASP A 276 -2.09 -7.73 -12.24
C ASP A 276 -2.12 -7.55 -10.71
N ILE A 277 -2.56 -8.61 -10.00
CA ILE A 277 -2.70 -8.65 -8.51
C ILE A 277 -2.13 -9.99 -8.05
N ILE A 278 -1.15 -9.92 -7.19
CA ILE A 278 -0.61 -11.06 -6.51
C ILE A 278 -1.18 -11.05 -5.08
N TYR A 279 -1.69 -12.22 -4.65
CA TYR A 279 -2.39 -12.38 -3.36
C TYR A 279 -1.43 -12.93 -2.34
N ALA A 280 -1.08 -12.06 -1.39
CA ALA A 280 -0.30 -12.43 -0.18
C ALA A 280 -1.16 -12.46 1.01
N ASP A 281 -1.95 -13.55 1.11
CA ASP A 281 -3.06 -13.68 2.03
C ASP A 281 -3.23 -15.06 2.60
N GLY A 282 -2.16 -15.84 2.53
CA GLY A 282 -2.16 -17.25 2.97
C GLY A 282 -2.94 -18.20 2.11
N GLY A 283 -3.38 -17.73 0.93
CA GLY A 283 -4.31 -18.48 0.09
C GLY A 283 -5.75 -18.39 0.52
N ALA A 284 -6.10 -17.51 1.52
CA ALA A 284 -7.46 -17.40 2.04
C ALA A 284 -8.48 -17.13 0.90
N HIS A 285 -8.12 -16.25 -0.06
CA HIS A 285 -9.13 -15.87 -1.11
C HIS A 285 -9.48 -17.07 -2.06
N THR A 286 -8.74 -18.18 -1.98
CA THR A 286 -8.91 -19.38 -2.84
C THR A 286 -9.80 -20.43 -2.22
N GLN A 287 -10.26 -20.14 -1.02
CA GLN A 287 -11.03 -21.08 -0.20
C GLN A 287 -12.28 -20.46 0.33
N LEU A 288 -13.36 -21.17 0.22
CA LEU A 288 -14.66 -20.67 0.64
C LEU A 288 -14.80 -20.89 2.14
N LEU A 289 -14.45 -22.10 2.55
CA LEU A 289 -14.36 -22.34 3.94
C LEU A 289 -13.16 -23.38 4.21
PA NAD B . -0.47 2.76 7.69
O1A NAD B . -1.39 3.62 8.47
O2A NAD B . 0.87 2.07 8.13
O5B NAD B . -0.07 3.37 6.28
C5B NAD B . -0.93 4.25 5.53
C4B NAD B . -0.06 5.32 4.97
O4B NAD B . -0.86 6.19 4.13
C3B NAD B . 0.59 6.23 6.04
O3B NAD B . 1.99 6.28 5.95
C2B NAD B . -0.03 7.59 5.77
O2B NAD B . 0.93 8.61 5.97
C1B NAD B . -0.27 7.45 4.28
N9A NAD B . -1.11 8.50 3.71
C8A NAD B . -2.40 8.83 4.00
N7A NAD B . -2.84 9.87 3.32
C5A NAD B . -1.75 10.26 2.56
C6A NAD B . -1.55 11.30 1.63
N6A NAD B . -2.40 12.31 1.44
N1A NAD B . -0.40 11.29 0.93
C2A NAD B . 0.53 10.37 1.22
N3A NAD B . 0.50 9.41 2.16
C4A NAD B . -0.68 9.40 2.78
O3 NAD B . -1.09 1.44 7.16
PN NAD B . -0.95 0.14 6.25
O1N NAD B . -1.97 -0.83 6.68
O2N NAD B . 0.44 -0.36 6.25
O5D NAD B . -1.46 0.74 4.84
C5D NAD B . -0.62 0.67 3.63
C4D NAD B . -1.36 0.21 2.38
O4D NAD B . -1.71 -1.19 2.53
C3D NAD B . -2.68 0.89 2.08
O3D NAD B . -2.94 1.05 0.70
C2D NAD B . -3.68 -0.04 2.78
O2D NAD B . -4.98 0.16 2.28
C1D NAD B . -3.11 -1.29 2.29
N1N NAD B . -3.51 -2.58 2.96
C2N NAD B . -3.48 -2.75 4.35
C3N NAD B . -3.77 -3.99 4.91
C7N NAD B . -3.71 -4.28 6.36
O7N NAD B . -4.32 -5.28 6.83
N7N NAD B . -2.93 -3.48 7.14
C4N NAD B . -4.12 -5.04 4.05
C5N NAD B . -4.12 -4.86 2.68
C6N NAD B . -3.81 -3.63 2.15
NAA XTV C . -3.98 2.99 4.56
CAC XTV C . -4.98 2.79 4.74
CAT XTV C . -6.37 2.51 4.99
CAF XTV C . -7.28 3.55 4.84
CAD XTV C . -8.63 3.35 5.08
CAE XTV C . -9.00 2.06 5.46
CAG XTV C . -8.11 0.99 5.69
CAW XTV C . -6.77 1.23 5.40
OAQ XTV C . -5.78 0.28 5.52
CAV XTV C . -6.21 -1.04 5.64
CAR XTV C . -6.80 -1.70 4.54
CAJ XTV C . -7.24 -3.00 4.72
OAB XTV C . -7.02 -1.01 3.37
CAI XTV C . -6.06 -1.72 6.84
CAH XTV C . -6.44 -3.04 6.99
CAS XTV C . -7.08 -3.70 5.92
CAN XTV C . -7.46 -5.04 6.06
NAY XTV C . -8.70 -5.17 6.86
CAK XTV C . -9.96 -4.78 6.66
NAP XTV C . -8.61 -5.73 8.00
NAO XTV C . -9.71 -5.73 8.60
CAU XTV C . -10.58 -5.17 7.79
CAX XTV C . -12.03 -5.07 8.21
CAL XTV C . -13.12 -5.06 7.19
CAM XTV C . -12.71 -3.77 7.87
#